data_8JA9
#
_entry.id   8JA9
#
_cell.length_a   58.303
_cell.length_b   64.977
_cell.length_c   144.708
_cell.angle_alpha   90.00
_cell.angle_beta   90.00
_cell.angle_gamma   90.00
#
_symmetry.space_group_name_H-M   'P 21 21 21'
#
loop_
_entity.id
_entity.type
_entity.pdbx_description
1 polymer 'Trehalose-binding lipoprotein LpqY'
2 branched alpha-D-glucopyranose-(1-1)-(2~{S},3~{R},4~{S},5~{S},6~{S})-6-[(2-azanylhydrazinyl)methyl]oxane-2,3,4,5-tetrol
3 non-polymer 'SULFATE ION'
4 water water
#
_entity_poly.entity_id   1
_entity_poly.type   'polypeptide(L)'
_entity_poly.pdbx_seq_one_letter_code
;VVMSRGRIPRLGAAVLVALTTAAAACGADSQGLVVSFYTPATDGATFTAIAQRCNQQFGGRFTIAQVSLPRSPNEQRLQL
ARRLTGNDRTLDVMALDVVWTAEFAEAGWALPLSDDPAGLAENDAVADTLPGPLATAGWNHKLYAAPVTTNTQLLWYRPD
LVNSPPTDWNAMIAEAARLHAAGEPSWIAVQANQGEGLVVWFNTLLVSAGGSVLSEDGRHVTLTDTPAHRAATVSALQIL
KSVATTPGADPSITRTEEGSARLAFEQGKAALEVNWPFVFASMLENAVKGGVPFLPLNRIPQLAGSINDIGTFTPSDEQF
RIAYDASQQVFGFAPYPAVAPGQPAKVTIGGLNLAVAKTTRHRAEAFEAVRCLRDQHNQRYVSLEGGLPAVRASLYSDPQ
FQAKYPMHAIIRQQLTDAAVRPATPVYQALSIRLAAVLSPITEIDPESTADELAAQAQKAIDGMGLLP
;
_entity_poly.pdbx_strand_id   A
#
# COMPACT_ATOMS: atom_id res chain seq x y z
N GLY A 32 -3.63 33.36 7.19
CA GLY A 32 -5.06 33.21 7.35
C GLY A 32 -5.46 31.96 8.10
N LEU A 33 -6.54 31.33 7.65
CA LEU A 33 -7.03 30.14 8.34
C LEU A 33 -6.09 28.95 8.09
N VAL A 34 -6.29 27.90 8.88
CA VAL A 34 -5.46 26.71 8.86
C VAL A 34 -6.32 25.53 8.44
N VAL A 35 -5.88 24.82 7.41
CA VAL A 35 -6.48 23.58 6.96
C VAL A 35 -5.61 22.44 7.49
N SER A 36 -6.13 21.69 8.45
CA SER A 36 -5.40 20.53 8.95
C SER A 36 -5.43 19.41 7.91
N PHE A 37 -4.35 18.62 7.88
CA PHE A 37 -4.15 17.60 6.85
C PHE A 37 -3.54 16.38 7.51
N TYR A 38 -4.38 15.41 7.89
CA TYR A 38 -3.93 14.25 8.65
C TYR A 38 -3.51 13.13 7.70
N THR A 39 -2.28 12.66 7.84
CA THR A 39 -1.71 11.59 7.04
C THR A 39 -1.00 10.58 7.94
N PRO A 40 -0.82 9.34 7.49
CA PRO A 40 -0.03 8.38 8.27
C PRO A 40 1.34 8.93 8.59
N ALA A 41 1.86 8.56 9.77
CA ALA A 41 3.14 9.09 10.23
C ALA A 41 4.27 8.77 9.25
N THR A 42 4.27 7.54 8.72
CA THR A 42 5.35 7.13 7.83
C THR A 42 5.47 8.04 6.61
N ASP A 43 4.36 8.64 6.19
CA ASP A 43 4.36 9.52 5.02
C ASP A 43 4.41 11.00 5.40
N GLY A 44 4.37 11.31 6.70
CA GLY A 44 4.36 12.67 7.20
C GLY A 44 5.31 13.62 6.50
N ALA A 45 6.61 13.34 6.59
CA ALA A 45 7.62 14.17 5.95
C ALA A 45 7.23 14.48 4.50
N THR A 46 6.90 13.45 3.73
CA THR A 46 6.56 13.65 2.33
C THR A 46 5.39 14.63 2.22
N PHE A 47 4.30 14.34 2.94
CA PHE A 47 3.14 15.21 2.84
C PHE A 47 3.38 16.56 3.47
N THR A 48 4.39 16.67 4.34
CA THR A 48 4.78 18.00 4.81
C THR A 48 5.33 18.82 3.65
N ALA A 49 6.28 18.24 2.90
CA ALA A 49 6.90 18.98 1.80
C ALA A 49 5.85 19.45 0.81
N ILE A 50 5.04 18.52 0.31
CA ILE A 50 3.92 18.85 -0.57
C ILE A 50 3.12 20.00 0.03
N ALA A 51 2.70 19.86 1.29
CA ALA A 51 1.89 20.90 1.91
C ALA A 51 2.60 22.24 1.84
N GLN A 52 3.89 22.26 2.20
CA GLN A 52 4.64 23.50 2.18
C GLN A 52 4.63 24.11 0.79
N ARG A 53 4.84 23.30 -0.25
CA ARG A 53 4.81 23.85 -1.60
C ARG A 53 3.46 24.48 -1.88
N CYS A 54 2.37 23.78 -1.53
CA CYS A 54 1.05 24.33 -1.77
C CYS A 54 0.83 25.62 -1.01
N ASN A 55 1.42 25.73 0.19
CA ASN A 55 1.28 26.95 0.96
C ASN A 55 1.89 28.13 0.20
N GLN A 56 3.02 27.90 -0.48
CA GLN A 56 3.61 28.94 -1.29
C GLN A 56 2.63 29.44 -2.35
N GLN A 57 1.82 28.53 -2.90
CA GLN A 57 0.90 28.92 -3.96
C GLN A 57 -0.31 29.67 -3.45
N PHE A 58 -0.55 29.66 -2.13
CA PHE A 58 -1.74 30.34 -1.63
C PHE A 58 -1.46 31.76 -1.17
N GLY A 59 -0.19 32.09 -0.90
CA GLY A 59 0.20 33.47 -0.65
C GLY A 59 -0.34 34.08 0.62
N GLY A 60 -0.70 33.27 1.61
CA GLY A 60 -1.22 33.76 2.86
C GLY A 60 -2.72 33.67 2.99
N ARG A 61 -3.43 33.30 1.93
CA ARG A 61 -4.88 33.15 2.02
C ARG A 61 -5.26 32.09 3.05
N PHE A 62 -4.57 30.95 3.03
CA PHE A 62 -4.69 29.95 4.08
C PHE A 62 -3.45 29.08 4.07
N THR A 63 -3.32 28.25 5.10
CA THR A 63 -2.12 27.45 5.30
C THR A 63 -2.51 26.00 5.59
N ILE A 64 -1.90 25.07 4.87
CA ILE A 64 -2.10 23.64 5.12
C ILE A 64 -1.10 23.18 6.17
N ALA A 65 -1.58 22.52 7.21
CA ALA A 65 -0.74 22.02 8.30
C ALA A 65 -0.90 20.51 8.39
N GLN A 66 0.18 19.79 8.05
CA GLN A 66 0.16 18.34 8.11
C GLN A 66 0.22 17.87 9.57
N VAL A 67 -0.52 16.82 9.87
CA VAL A 67 -0.55 16.19 11.18
C VAL A 67 -0.49 14.68 10.99
N SER A 68 0.33 14.01 11.79
CA SER A 68 0.59 12.59 11.62
C SER A 68 -0.36 11.73 12.46
N LEU A 69 -0.84 10.66 11.85
CA LEU A 69 -1.60 9.59 12.45
C LEU A 69 -0.68 8.41 12.74
N PRO A 70 -1.13 7.44 13.54
CA PRO A 70 -0.31 6.24 13.77
C PRO A 70 -0.05 5.45 12.49
N ARG A 71 0.79 4.45 12.63
CA ARG A 71 1.23 3.65 11.54
C ARG A 71 0.25 2.67 10.91
N SER A 72 -0.53 2.01 11.73
CA SER A 72 -1.43 1.00 11.21
C SER A 72 -2.70 1.64 10.65
N PRO A 73 -3.29 1.04 9.62
CA PRO A 73 -4.57 1.59 9.10
C PRO A 73 -5.67 1.61 10.14
N ASN A 74 -5.69 0.61 11.03
CA ASN A 74 -6.68 0.57 12.10
C ASN A 74 -6.55 1.78 13.02
N GLU A 75 -5.36 2.16 13.39
CA GLU A 75 -5.14 3.29 14.28
C GLU A 75 -5.35 4.61 13.63
N GLN A 76 -4.92 4.74 12.38
CA GLN A 76 -5.30 5.89 11.58
C GLN A 76 -6.82 6.09 11.64
N ARG A 77 -7.55 5.02 11.31
CA ARG A 77 -9.01 5.09 11.33
C ARG A 77 -9.54 5.47 12.70
N LEU A 78 -8.95 4.90 13.76
CA LEU A 78 -9.48 5.14 15.10
C LEU A 78 -9.31 6.60 15.52
N GLN A 79 -8.13 7.17 15.27
CA GLN A 79 -7.93 8.59 15.57
C GLN A 79 -8.93 9.45 14.79
N LEU A 80 -9.06 9.19 13.49
CA LEU A 80 -9.97 9.99 12.68
C LEU A 80 -11.41 9.86 13.17
N ALA A 81 -11.85 8.65 13.46
CA ALA A 81 -13.24 8.43 13.88
C ALA A 81 -13.51 9.04 15.24
N ARG A 82 -12.53 9.00 16.15
CA ARG A 82 -12.72 9.66 17.43
C ARG A 82 -12.87 11.16 17.25
N ARG A 83 -12.05 11.77 16.39
CA ARG A 83 -12.22 13.20 16.15
C ARG A 83 -13.56 13.51 15.49
N LEU A 84 -13.98 12.66 14.55
CA LEU A 84 -15.22 12.92 13.83
C LEU A 84 -16.42 12.83 14.75
N THR A 85 -16.55 11.73 15.49
CA THR A 85 -17.66 11.59 16.42
C THR A 85 -17.59 12.61 17.55
N GLY A 86 -16.40 13.07 17.89
CA GLY A 86 -16.22 14.11 18.89
C GLY A 86 -16.42 15.51 18.39
N ASN A 87 -16.68 15.68 17.09
CA ASN A 87 -16.95 16.99 16.48
C ASN A 87 -15.77 17.94 16.67
N ASP A 88 -14.56 17.45 16.42
CA ASP A 88 -13.36 18.27 16.43
C ASP A 88 -13.39 19.19 15.22
N ARG A 89 -13.77 20.45 15.43
CA ARG A 89 -13.93 21.41 14.33
C ARG A 89 -12.61 21.93 13.78
N THR A 90 -11.48 21.41 14.24
CA THR A 90 -10.18 21.72 13.66
C THR A 90 -9.72 20.67 12.66
N LEU A 91 -10.51 19.62 12.45
CA LEU A 91 -10.17 18.55 11.51
C LEU A 91 -10.74 18.89 10.14
N ASP A 92 -9.86 19.02 9.13
CA ASP A 92 -10.27 19.47 7.81
C ASP A 92 -10.09 18.41 6.74
N VAL A 93 -8.86 17.99 6.45
CA VAL A 93 -8.57 17.07 5.35
C VAL A 93 -7.93 15.81 5.90
N MET A 94 -8.31 14.65 5.36
CA MET A 94 -7.84 13.35 5.80
C MET A 94 -7.28 12.57 4.62
N ALA A 95 -6.09 12.00 4.79
CA ALA A 95 -5.58 11.00 3.85
C ALA A 95 -6.07 9.64 4.35
N LEU A 96 -7.11 9.11 3.71
CA LEU A 96 -7.77 7.88 4.11
C LEU A 96 -7.23 6.69 3.34
N ASP A 97 -6.99 5.59 4.06
CA ASP A 97 -6.73 4.32 3.40
C ASP A 97 -7.91 3.94 2.52
N VAL A 98 -7.62 3.22 1.43
CA VAL A 98 -8.64 2.92 0.43
C VAL A 98 -9.77 2.10 1.03
N VAL A 99 -9.50 1.34 2.09
CA VAL A 99 -10.49 0.42 2.66
C VAL A 99 -11.50 1.10 3.56
N TRP A 100 -11.34 2.39 3.87
CA TRP A 100 -12.22 3.07 4.81
C TRP A 100 -13.34 3.86 4.12
N THR A 101 -13.20 4.13 2.81
CA THR A 101 -14.19 4.91 2.06
C THR A 101 -15.62 4.57 2.46
N ALA A 102 -16.01 3.32 2.23
CA ALA A 102 -17.37 2.87 2.51
C ALA A 102 -17.82 3.35 3.88
N GLU A 103 -17.09 2.98 4.93
CA GLU A 103 -17.51 3.36 6.28
C GLU A 103 -17.65 4.87 6.37
N PHE A 104 -16.59 5.60 6.01
CA PHE A 104 -16.64 7.05 6.17
C PHE A 104 -17.67 7.69 5.27
N ALA A 105 -18.03 7.02 4.16
CA ALA A 105 -19.09 7.57 3.33
C ALA A 105 -20.45 7.36 3.97
N GLU A 106 -20.69 6.18 4.54
CA GLU A 106 -22.05 5.88 5.02
C GLU A 106 -22.32 6.54 6.36
N ALA A 107 -21.27 6.84 7.13
CA ALA A 107 -21.42 7.53 8.39
C ALA A 107 -21.55 9.04 8.24
N GLY A 108 -21.37 9.57 7.03
CA GLY A 108 -21.33 11.01 6.83
C GLY A 108 -20.04 11.67 7.25
N TRP A 109 -18.99 10.89 7.52
CA TRP A 109 -17.74 11.46 7.98
C TRP A 109 -16.99 12.13 6.83
N ALA A 110 -16.91 11.45 5.69
CA ALA A 110 -16.30 12.03 4.49
C ALA A 110 -17.39 12.67 3.65
N LEU A 111 -17.28 13.97 3.42
CA LEU A 111 -18.27 14.66 2.61
C LEU A 111 -18.17 14.20 1.16
N PRO A 112 -19.28 14.08 0.46
CA PRO A 112 -19.22 13.82 -0.99
C PRO A 112 -18.50 14.98 -1.66
N LEU A 113 -17.73 14.67 -2.71
CA LEU A 113 -17.04 15.71 -3.45
C LEU A 113 -18.01 16.73 -4.04
N SER A 114 -19.28 16.37 -4.21
CA SER A 114 -20.28 17.30 -4.68
C SER A 114 -20.59 18.40 -3.68
N ASP A 115 -20.17 18.25 -2.43
CA ASP A 115 -20.37 19.28 -1.41
C ASP A 115 -19.37 20.42 -1.53
N ASP A 116 -18.46 20.37 -2.49
CA ASP A 116 -17.52 21.47 -2.72
C ASP A 116 -18.29 22.71 -3.15
N PRO A 117 -18.24 23.80 -2.37
CA PRO A 117 -18.97 25.02 -2.79
C PRO A 117 -18.56 25.52 -4.16
N ALA A 118 -17.29 25.36 -4.53
CA ALA A 118 -16.84 25.75 -5.87
C ALA A 118 -17.32 24.80 -6.95
N GLY A 119 -17.79 23.60 -6.59
CA GLY A 119 -18.22 22.64 -7.59
C GLY A 119 -17.11 22.14 -8.49
N LEU A 120 -15.87 22.19 -8.02
CA LEU A 120 -14.72 21.80 -8.83
C LEU A 120 -14.13 20.45 -8.44
N ALA A 121 -14.54 19.87 -7.31
CA ALA A 121 -13.80 18.73 -6.74
C ALA A 121 -13.99 17.46 -7.57
N GLU A 122 -15.22 17.18 -8.02
CA GLU A 122 -15.48 15.94 -8.75
C GLU A 122 -14.70 15.90 -10.06
N ASN A 123 -14.79 16.98 -10.84
CA ASN A 123 -14.10 17.03 -12.13
C ASN A 123 -12.59 16.94 -11.94
N ASP A 124 -12.05 17.60 -10.92
CA ASP A 124 -10.63 17.49 -10.64
C ASP A 124 -10.25 16.05 -10.30
N ALA A 125 -11.05 15.42 -9.44
CA ALA A 125 -10.72 14.07 -8.97
C ALA A 125 -10.70 13.06 -10.11
N VAL A 126 -11.58 13.23 -11.11
CA VAL A 126 -11.57 12.24 -12.21
C VAL A 126 -10.59 12.57 -13.32
N ALA A 127 -10.12 13.82 -13.42
CA ALA A 127 -9.29 14.23 -14.54
C ALA A 127 -7.88 13.64 -14.42
N ASP A 128 -7.44 12.97 -15.48
CA ASP A 128 -6.08 12.41 -15.56
C ASP A 128 -5.78 11.52 -14.35
N THR A 129 -6.76 10.71 -13.95
CA THR A 129 -6.62 9.85 -12.78
C THR A 129 -6.98 8.43 -13.15
N LEU A 130 -6.14 7.49 -12.71
CA LEU A 130 -6.31 6.08 -13.08
C LEU A 130 -7.61 5.54 -12.50
N PRO A 131 -8.28 4.61 -13.21
CA PRO A 131 -9.62 4.18 -12.79
C PRO A 131 -9.65 3.29 -11.55
N GLY A 132 -8.61 2.48 -11.31
CA GLY A 132 -8.56 1.67 -10.11
C GLY A 132 -8.67 2.46 -8.81
N PRO A 133 -7.78 3.43 -8.63
CA PRO A 133 -7.88 4.31 -7.45
C PRO A 133 -9.22 5.02 -7.36
N LEU A 134 -9.70 5.56 -8.49
CA LEU A 134 -11.01 6.19 -8.52
C LEU A 134 -12.08 5.25 -7.98
N ALA A 135 -12.03 3.98 -8.39
CA ALA A 135 -12.98 3.00 -7.88
C ALA A 135 -12.83 2.82 -6.37
N THR A 136 -11.61 2.90 -5.85
CA THR A 136 -11.47 2.81 -4.39
C THR A 136 -12.04 4.03 -3.68
N ALA A 137 -12.17 5.17 -4.37
CA ALA A 137 -12.63 6.39 -3.72
C ALA A 137 -14.14 6.60 -3.77
N GLY A 138 -14.90 5.65 -4.32
CA GLY A 138 -16.34 5.87 -4.47
C GLY A 138 -17.22 4.99 -3.60
N TRP A 139 -18.48 5.40 -3.45
CA TRP A 139 -19.46 4.62 -2.69
C TRP A 139 -20.85 5.05 -3.14
N ASN A 140 -21.71 4.09 -3.44
CA ASN A 140 -23.08 4.35 -3.89
C ASN A 140 -23.08 5.29 -5.10
N HIS A 141 -22.16 5.05 -6.03
CA HIS A 141 -22.06 5.76 -7.29
C HIS A 141 -21.73 7.24 -7.12
N LYS A 142 -21.14 7.62 -5.98
CA LYS A 142 -20.67 8.97 -5.74
C LYS A 142 -19.23 8.91 -5.23
N LEU A 143 -18.42 9.88 -5.65
CA LEU A 143 -17.08 10.01 -5.11
C LEU A 143 -17.14 10.71 -3.76
N TYR A 144 -16.43 10.16 -2.77
CA TYR A 144 -16.34 10.75 -1.45
C TYR A 144 -14.91 11.14 -1.10
N ALA A 145 -14.00 11.04 -2.06
CA ALA A 145 -12.61 11.44 -1.86
C ALA A 145 -11.95 11.57 -3.23
N ALA A 146 -10.81 12.24 -3.23
CA ALA A 146 -10.01 12.37 -4.45
C ALA A 146 -8.73 11.58 -4.26
N PRO A 147 -8.48 10.54 -5.07
CA PRO A 147 -7.26 9.74 -4.90
C PRO A 147 -6.01 10.60 -5.02
N VAL A 148 -5.05 10.36 -4.15
CA VAL A 148 -3.77 11.04 -4.18
C VAL A 148 -2.61 10.08 -4.39
N THR A 149 -2.61 8.92 -3.70
CA THR A 149 -1.62 7.89 -3.96
C THR A 149 -2.31 6.55 -4.08
N THR A 150 -1.69 5.65 -4.83
CA THR A 150 -2.16 4.28 -4.95
C THR A 150 -1.03 3.34 -4.53
N ASN A 151 -1.26 2.03 -4.67
CA ASN A 151 -0.27 1.08 -4.20
C ASN A 151 -0.58 -0.30 -4.75
N THR A 152 0.49 -1.03 -5.09
CA THR A 152 0.39 -2.43 -5.47
C THR A 152 1.73 -3.09 -5.16
N GLN A 153 1.68 -4.34 -4.69
CA GLN A 153 2.89 -5.00 -4.23
C GLN A 153 3.63 -5.65 -5.39
N LEU A 154 4.94 -5.49 -5.38
CA LEU A 154 5.83 -6.13 -6.33
C LEU A 154 6.71 -7.14 -5.62
N LEU A 155 7.37 -7.96 -6.44
CA LEU A 155 8.40 -8.86 -5.97
C LEU A 155 9.75 -8.17 -6.10
N TRP A 156 10.54 -8.23 -5.03
CA TRP A 156 11.90 -7.72 -4.99
C TRP A 156 12.82 -8.88 -4.64
N TYR A 157 13.97 -8.93 -5.30
CA TYR A 157 14.84 -10.09 -5.13
C TYR A 157 16.29 -9.67 -5.24
N ARG A 158 17.16 -10.52 -4.71
CA ARG A 158 18.61 -10.40 -4.79
C ARG A 158 19.09 -11.11 -6.04
N PRO A 159 19.36 -10.38 -7.13
CA PRO A 159 19.79 -11.05 -8.37
C PRO A 159 21.15 -11.72 -8.23
N ASP A 160 21.97 -11.32 -7.26
CA ASP A 160 23.26 -11.96 -7.06
C ASP A 160 23.12 -13.33 -6.40
N LEU A 161 21.96 -13.61 -5.78
CA LEU A 161 21.69 -14.91 -5.18
C LEU A 161 20.59 -15.68 -5.88
N VAL A 162 19.69 -15.01 -6.59
CA VAL A 162 18.57 -15.63 -7.28
C VAL A 162 18.76 -15.37 -8.76
N ASN A 163 18.97 -16.44 -9.53
CA ASN A 163 19.29 -16.28 -10.95
C ASN A 163 18.12 -15.70 -11.72
N SER A 164 16.91 -16.23 -11.50
CA SER A 164 15.72 -15.73 -12.15
C SER A 164 14.62 -15.52 -11.11
N PRO A 165 13.97 -14.36 -11.10
CA PRO A 165 12.93 -14.11 -10.11
C PRO A 165 11.77 -15.09 -10.28
N PRO A 166 11.33 -15.73 -9.20
CA PRO A 166 10.25 -16.71 -9.33
C PRO A 166 8.98 -16.06 -9.86
N THR A 167 8.29 -16.79 -10.74
CA THR A 167 7.09 -16.30 -11.40
C THR A 167 5.80 -16.72 -10.73
N ASP A 168 5.84 -17.76 -9.90
CA ASP A 168 4.68 -18.17 -9.12
C ASP A 168 5.14 -18.58 -7.73
N TRP A 169 4.17 -18.84 -6.86
CA TRP A 169 4.48 -19.05 -5.44
C TRP A 169 5.18 -20.38 -5.19
N ASN A 170 4.86 -21.40 -6.00
CA ASN A 170 5.61 -22.66 -5.94
C ASN A 170 7.10 -22.41 -6.18
N ALA A 171 7.43 -21.52 -7.13
CA ALA A 171 8.83 -21.20 -7.39
C ALA A 171 9.43 -20.37 -6.27
N MET A 172 8.62 -19.50 -5.65
CA MET A 172 9.05 -18.80 -4.45
C MET A 172 9.52 -19.78 -3.38
N ILE A 173 8.69 -20.78 -3.12
CA ILE A 173 8.98 -21.77 -2.09
C ILE A 173 10.24 -22.56 -2.46
N ALA A 174 10.31 -23.03 -3.71
CA ALA A 174 11.48 -23.81 -4.13
C ALA A 174 12.75 -22.99 -4.04
N GLU A 175 12.71 -21.72 -4.43
CA GLU A 175 13.89 -20.87 -4.37
C GLU A 175 14.33 -20.63 -2.94
N ALA A 176 13.37 -20.40 -2.03
CA ALA A 176 13.73 -20.22 -0.62
C ALA A 176 14.37 -21.48 -0.06
N ALA A 177 13.82 -22.64 -0.40
CA ALA A 177 14.41 -23.90 0.07
C ALA A 177 15.83 -24.07 -0.47
N ARG A 178 16.03 -23.78 -1.76
CA ARG A 178 17.37 -23.87 -2.35
C ARG A 178 18.34 -22.95 -1.62
N LEU A 179 17.93 -21.70 -1.36
CA LEU A 179 18.80 -20.77 -0.67
C LEU A 179 19.14 -21.25 0.73
N HIS A 180 18.16 -21.85 1.42
CA HIS A 180 18.43 -22.37 2.75
C HIS A 180 19.42 -23.53 2.70
N ALA A 181 19.26 -24.43 1.73
CA ALA A 181 20.17 -25.57 1.61
C ALA A 181 21.59 -25.13 1.31
N ALA A 182 21.80 -23.89 0.84
CA ALA A 182 23.11 -23.39 0.46
C ALA A 182 23.72 -22.46 1.50
N GLY A 183 23.09 -22.33 2.68
CA GLY A 183 23.56 -21.39 3.66
C GLY A 183 23.36 -19.93 3.29
N GLU A 184 22.65 -19.65 2.20
CA GLU A 184 22.36 -18.30 1.76
C GLU A 184 21.11 -17.76 2.43
N PRO A 185 20.96 -16.44 2.52
CA PRO A 185 19.75 -15.87 3.13
C PRO A 185 18.49 -16.43 2.49
N SER A 186 17.56 -16.87 3.35
CA SER A 186 16.50 -17.78 2.93
C SER A 186 15.11 -17.28 3.24
N TRP A 187 14.97 -16.07 3.75
CA TRP A 187 13.66 -15.59 4.15
C TRP A 187 12.85 -15.14 2.95
N ILE A 188 11.54 -15.38 3.02
CA ILE A 188 10.57 -14.73 2.14
C ILE A 188 9.97 -13.59 2.97
N ALA A 189 10.43 -12.37 2.71
CA ALA A 189 10.01 -11.21 3.48
C ALA A 189 8.69 -10.71 2.93
N VAL A 190 7.59 -11.10 3.57
CA VAL A 190 6.26 -10.60 3.24
C VAL A 190 5.82 -9.67 4.37
N GLN A 191 5.39 -8.46 4.01
CA GLN A 191 4.85 -7.56 5.02
C GLN A 191 3.51 -8.07 5.48
N ALA A 192 3.51 -8.98 6.46
CA ALA A 192 2.29 -9.64 6.91
C ALA A 192 2.51 -10.29 8.26
N ASN A 193 2.09 -9.61 9.32
CA ASN A 193 2.18 -10.18 10.66
C ASN A 193 0.82 -10.72 11.08
N GLN A 194 0.13 -9.99 11.96
CA GLN A 194 -1.19 -10.40 12.44
C GLN A 194 -2.27 -9.37 12.12
N GLY A 195 -2.04 -8.50 11.13
CA GLY A 195 -2.92 -7.39 10.87
C GLY A 195 -3.30 -7.27 9.40
N GLU A 196 -3.40 -6.02 8.95
CA GLU A 196 -3.93 -5.74 7.62
C GLU A 196 -3.04 -6.28 6.51
N GLY A 197 -1.72 -6.33 6.74
CA GLY A 197 -0.82 -6.89 5.75
C GLY A 197 -1.13 -8.35 5.45
N LEU A 198 -1.44 -9.13 6.48
CA LEU A 198 -1.78 -10.53 6.28
C LEU A 198 -3.10 -10.66 5.52
N VAL A 199 -4.08 -9.82 5.84
CA VAL A 199 -5.34 -9.82 5.11
C VAL A 199 -5.10 -9.48 3.64
N VAL A 200 -4.19 -8.55 3.37
CA VAL A 200 -3.89 -8.16 1.99
C VAL A 200 -3.25 -9.33 1.24
N TRP A 201 -2.28 -10.00 1.88
CA TRP A 201 -1.66 -11.18 1.30
C TRP A 201 -2.71 -12.22 0.94
N PHE A 202 -3.57 -12.56 1.91
CA PHE A 202 -4.62 -13.54 1.67
C PHE A 202 -5.57 -13.12 0.56
N ASN A 203 -5.92 -11.83 0.53
CA ASN A 203 -6.86 -11.33 -0.47
C ASN A 203 -6.26 -11.43 -1.88
N THR A 204 -4.98 -11.09 -2.01
CA THR A 204 -4.31 -11.24 -3.29
C THR A 204 -4.31 -12.69 -3.74
N LEU A 205 -3.94 -13.60 -2.84
CA LEU A 205 -3.93 -15.02 -3.22
C LEU A 205 -5.33 -15.52 -3.57
N LEU A 206 -6.35 -15.01 -2.86
CA LEU A 206 -7.71 -15.49 -3.05
C LEU A 206 -8.28 -15.01 -4.39
N VAL A 207 -8.16 -13.71 -4.66
CA VAL A 207 -8.67 -13.18 -5.92
C VAL A 207 -7.84 -13.71 -7.09
N SER A 208 -6.55 -13.95 -6.87
CA SER A 208 -5.72 -14.54 -7.92
C SER A 208 -6.22 -15.93 -8.32
N ALA A 209 -6.79 -16.68 -7.37
CA ALA A 209 -7.30 -18.01 -7.64
C ALA A 209 -8.78 -18.01 -8.06
N GLY A 210 -9.36 -16.83 -8.28
CA GLY A 210 -10.75 -16.74 -8.69
C GLY A 210 -11.75 -16.60 -7.58
N GLY A 211 -11.31 -16.34 -6.35
CA GLY A 211 -12.18 -16.24 -5.21
C GLY A 211 -12.49 -14.82 -4.80
N SER A 212 -13.26 -14.71 -3.71
CA SER A 212 -13.76 -13.43 -3.23
C SER A 212 -14.20 -13.59 -1.79
N VAL A 213 -13.89 -12.60 -0.96
CA VAL A 213 -14.36 -12.62 0.43
C VAL A 213 -15.86 -12.39 0.47
N LEU A 214 -16.34 -11.34 -0.18
CA LEU A 214 -17.75 -10.99 -0.18
C LEU A 214 -18.29 -10.92 -1.60
N SER A 215 -19.62 -10.97 -1.71
CA SER A 215 -20.29 -10.75 -2.98
C SER A 215 -20.10 -9.30 -3.43
N GLU A 216 -20.57 -9.02 -4.65
CA GLU A 216 -20.42 -7.67 -5.21
C GLU A 216 -21.09 -6.64 -4.31
N ASP A 217 -22.36 -6.86 -3.96
CA ASP A 217 -23.08 -5.91 -3.13
C ASP A 217 -22.61 -5.88 -1.68
N GLY A 218 -21.62 -6.70 -1.33
CA GLY A 218 -21.12 -6.73 0.04
C GLY A 218 -22.04 -7.34 1.06
N ARG A 219 -23.12 -8.00 0.63
CA ARG A 219 -24.14 -8.50 1.54
C ARG A 219 -23.97 -9.98 1.88
N HIS A 220 -23.10 -10.71 1.19
CA HIS A 220 -22.97 -12.15 1.40
C HIS A 220 -21.51 -12.54 1.43
N VAL A 221 -21.21 -13.58 2.22
CA VAL A 221 -19.88 -14.15 2.29
C VAL A 221 -19.72 -15.17 1.16
N THR A 222 -18.66 -15.04 0.37
CA THR A 222 -18.46 -15.86 -0.80
C THR A 222 -17.16 -16.67 -0.72
N LEU A 223 -16.70 -16.96 0.50
CA LEU A 223 -15.48 -17.75 0.66
C LEU A 223 -15.73 -19.22 0.40
N THR A 224 -16.90 -19.75 0.77
CA THR A 224 -17.18 -21.17 0.63
C THR A 224 -18.58 -21.46 0.08
N ASP A 225 -19.24 -20.48 -0.53
CA ASP A 225 -20.64 -20.64 -0.90
C ASP A 225 -20.83 -21.48 -2.16
N THR A 226 -19.82 -21.62 -2.99
CA THR A 226 -19.86 -22.47 -4.18
C THR A 226 -18.59 -23.32 -4.22
N PRO A 227 -18.63 -24.44 -4.94
CA PRO A 227 -17.39 -25.25 -5.06
C PRO A 227 -16.21 -24.48 -5.65
N ALA A 228 -16.44 -23.63 -6.66
CA ALA A 228 -15.34 -22.85 -7.21
C ALA A 228 -14.78 -21.87 -6.18
N HIS A 229 -15.66 -21.21 -5.43
CA HIS A 229 -15.22 -20.26 -4.42
C HIS A 229 -14.45 -20.96 -3.30
N ARG A 230 -14.96 -22.11 -2.84
CA ARG A 230 -14.26 -22.86 -1.81
C ARG A 230 -12.91 -23.34 -2.31
N ALA A 231 -12.85 -23.81 -3.55
CA ALA A 231 -11.58 -24.26 -4.11
C ALA A 231 -10.56 -23.13 -4.15
N ALA A 232 -11.00 -21.92 -4.54
CA ALA A 232 -10.09 -20.78 -4.53
C ALA A 232 -9.59 -20.47 -3.12
N THR A 233 -10.50 -20.46 -2.14
CA THR A 233 -10.10 -20.18 -0.76
C THR A 233 -9.09 -21.21 -0.26
N VAL A 234 -9.34 -22.48 -0.56
CA VAL A 234 -8.46 -23.57 -0.10
C VAL A 234 -7.09 -23.46 -0.76
N SER A 235 -7.06 -23.07 -2.04
CA SER A 235 -5.78 -22.88 -2.73
C SER A 235 -4.96 -21.76 -2.06
N ALA A 236 -5.61 -20.63 -1.79
CA ALA A 236 -4.91 -19.53 -1.14
C ALA A 236 -4.37 -19.95 0.23
N LEU A 237 -5.19 -20.65 1.02
CA LEU A 237 -4.73 -21.08 2.34
C LEU A 237 -3.59 -22.08 2.23
N GLN A 238 -3.61 -22.94 1.22
CA GLN A 238 -2.51 -23.89 1.05
C GLN A 238 -1.21 -23.15 0.73
N ILE A 239 -1.29 -22.08 -0.06
CA ILE A 239 -0.09 -21.29 -0.34
C ILE A 239 0.44 -20.65 0.94
N LEU A 240 -0.46 -20.08 1.75
CA LEU A 240 -0.03 -19.50 3.02
C LEU A 240 0.66 -20.53 3.90
N LYS A 241 0.05 -21.70 4.06
CA LYS A 241 0.61 -22.74 4.92
C LYS A 241 1.94 -23.25 4.39
N SER A 242 2.08 -23.36 3.06
CA SER A 242 3.32 -23.87 2.49
C SER A 242 4.45 -22.85 2.66
N VAL A 243 4.17 -21.57 2.45
CA VAL A 243 5.20 -20.56 2.71
C VAL A 243 5.59 -20.57 4.18
N ALA A 244 4.60 -20.72 5.08
CA ALA A 244 4.88 -20.69 6.50
C ALA A 244 5.81 -21.81 6.94
N THR A 245 5.72 -22.98 6.30
CA THR A 245 6.46 -24.16 6.74
C THR A 245 7.56 -24.55 5.76
N THR A 246 8.11 -23.57 5.06
CA THR A 246 9.25 -23.77 4.17
C THR A 246 10.55 -23.63 4.94
N PRO A 247 11.50 -24.56 4.79
CA PRO A 247 12.79 -24.43 5.49
C PRO A 247 13.46 -23.11 5.12
N GLY A 248 14.08 -22.48 6.12
CA GLY A 248 14.56 -21.13 5.96
C GLY A 248 13.53 -20.08 6.26
N ALA A 249 12.50 -20.41 7.04
CA ALA A 249 11.47 -19.46 7.39
C ALA A 249 11.91 -18.58 8.56
N ASP A 250 11.45 -17.34 8.55
CA ASP A 250 11.74 -16.44 9.66
C ASP A 250 11.08 -16.98 10.92
N PRO A 251 11.83 -17.14 12.01
CA PRO A 251 11.25 -17.73 13.23
C PRO A 251 10.19 -16.89 13.90
N SER A 252 9.80 -15.75 13.31
CA SER A 252 8.86 -14.82 13.91
C SER A 252 7.43 -15.02 13.41
N ILE A 253 7.13 -16.17 12.82
CA ILE A 253 5.77 -16.39 12.34
C ILE A 253 4.82 -16.68 13.50
N THR A 254 5.32 -17.28 14.57
CA THR A 254 4.55 -17.42 15.80
C THR A 254 4.94 -16.40 16.87
N ARG A 255 6.19 -15.95 16.86
CA ARG A 255 6.61 -14.87 17.74
C ARG A 255 5.94 -13.57 17.31
N THR A 256 4.81 -13.26 17.96
CA THR A 256 3.97 -12.12 17.61
C THR A 256 4.70 -10.81 17.85
N GLU A 257 5.31 -10.26 16.80
CA GLU A 257 5.93 -8.96 16.86
C GLU A 257 5.45 -8.15 15.67
N GLU A 258 6.11 -7.02 15.43
CA GLU A 258 5.85 -6.14 14.28
C GLU A 258 7.16 -5.90 13.54
N GLY A 259 7.71 -6.96 12.93
CA GLY A 259 8.87 -6.81 12.08
C GLY A 259 8.51 -6.24 10.72
N SER A 260 9.54 -5.79 10.02
CA SER A 260 9.38 -5.09 8.75
C SER A 260 10.07 -5.88 7.64
N ALA A 261 9.31 -6.25 6.61
CA ALA A 261 9.90 -6.96 5.48
C ALA A 261 10.92 -6.08 4.76
N ARG A 262 10.63 -4.78 4.64
CA ARG A 262 11.57 -3.84 4.04
C ARG A 262 12.93 -3.90 4.74
N LEU A 263 12.94 -3.79 6.07
CA LEU A 263 14.20 -3.80 6.79
C LEU A 263 14.84 -5.18 6.77
N ALA A 264 14.03 -6.24 6.86
CA ALA A 264 14.58 -7.60 6.78
C ALA A 264 15.33 -7.81 5.48
N PHE A 265 14.82 -7.27 4.37
CA PHE A 265 15.55 -7.37 3.12
C PHE A 265 16.77 -6.44 3.11
N GLU A 266 16.62 -5.22 3.64
CA GLU A 266 17.72 -4.27 3.63
C GLU A 266 18.88 -4.75 4.50
N GLN A 267 18.60 -5.53 5.55
CA GLN A 267 19.65 -6.05 6.42
C GLN A 267 20.28 -7.33 5.90
N GLY A 268 19.80 -7.87 4.78
CA GLY A 268 20.43 -9.01 4.16
C GLY A 268 19.94 -10.36 4.60
N LYS A 269 18.87 -10.43 5.39
CA LYS A 269 18.35 -11.70 5.88
C LYS A 269 17.35 -12.34 4.93
N ALA A 270 16.91 -11.64 3.89
CA ALA A 270 15.93 -12.17 2.95
C ALA A 270 16.41 -11.91 1.54
N ALA A 271 16.34 -12.94 0.70
CA ALA A 271 16.64 -12.80 -0.72
C ALA A 271 15.39 -12.58 -1.57
N LEU A 272 14.20 -12.65 -0.96
CA LEU A 272 12.94 -12.48 -1.67
C LEU A 272 11.98 -11.71 -0.78
N GLU A 273 11.30 -10.72 -1.37
CA GLU A 273 10.38 -9.86 -0.63
C GLU A 273 9.21 -9.53 -1.54
N VAL A 274 8.00 -9.46 -0.98
CA VAL A 274 6.87 -8.85 -1.68
C VAL A 274 6.44 -7.65 -0.86
N ASN A 275 6.40 -6.49 -1.50
CA ASN A 275 6.16 -5.26 -0.74
C ASN A 275 5.75 -4.15 -1.68
N TRP A 276 5.30 -3.05 -1.10
CA TRP A 276 4.89 -1.89 -1.86
C TRP A 276 6.11 -1.19 -2.46
N PRO A 277 5.92 -0.37 -3.51
CA PRO A 277 7.08 0.15 -4.26
C PRO A 277 7.97 1.12 -3.49
N PHE A 278 7.52 1.67 -2.35
CA PHE A 278 8.36 2.62 -1.63
C PHE A 278 9.69 2.01 -1.21
N VAL A 279 9.77 0.67 -1.10
CA VAL A 279 11.03 0.04 -0.74
C VAL A 279 12.15 0.43 -1.70
N PHE A 280 11.80 0.66 -2.98
CA PHE A 280 12.81 1.13 -3.92
C PHE A 280 13.48 2.38 -3.38
N ALA A 281 12.69 3.43 -3.12
CA ALA A 281 13.25 4.67 -2.60
C ALA A 281 13.98 4.43 -1.29
N SER A 282 13.52 3.48 -0.48
CA SER A 282 14.22 3.18 0.76
C SER A 282 15.61 2.64 0.47
N MET A 283 15.69 1.62 -0.40
CA MET A 283 16.94 0.91 -0.68
C MET A 283 18.03 1.92 -0.96
N LEU A 284 17.93 2.57 -2.12
CA LEU A 284 18.86 3.62 -2.52
C LEU A 284 19.20 4.52 -1.33
N GLU A 285 18.18 5.11 -0.71
CA GLU A 285 18.44 6.09 0.34
C GLU A 285 19.28 5.47 1.44
N ASN A 286 18.80 4.37 2.00
CA ASN A 286 19.54 3.78 3.11
C ASN A 286 20.89 3.25 2.64
N ALA A 287 20.96 2.80 1.37
CA ALA A 287 22.24 2.34 0.85
C ALA A 287 23.25 3.48 0.84
N VAL A 288 22.79 4.70 0.51
CA VAL A 288 23.69 5.83 0.51
C VAL A 288 24.05 6.22 1.94
N LYS A 289 23.17 5.93 2.90
CA LYS A 289 23.45 6.26 4.29
C LYS A 289 24.33 5.24 4.97
N GLY A 290 24.70 4.16 4.29
CA GLY A 290 25.52 3.11 4.86
C GLY A 290 24.76 2.04 5.60
N GLY A 291 23.44 2.00 5.49
CA GLY A 291 22.61 1.07 6.23
C GLY A 291 22.27 -0.22 5.52
N VAL A 292 22.88 -0.50 4.37
CA VAL A 292 22.61 -1.73 3.64
C VAL A 292 23.94 -2.45 3.39
N PRO A 293 24.20 -3.56 4.08
CA PRO A 293 25.55 -4.16 4.04
C PRO A 293 25.99 -4.62 2.66
N PHE A 294 25.09 -5.21 1.88
CA PHE A 294 25.45 -5.72 0.56
C PHE A 294 25.42 -4.66 -0.53
N LEU A 295 25.07 -3.41 -0.18
CA LEU A 295 24.98 -2.32 -1.15
C LEU A 295 25.64 -1.08 -0.55
N PRO A 296 26.97 -1.03 -0.55
CA PRO A 296 27.68 0.10 0.09
C PRO A 296 27.79 1.33 -0.80
N LEU A 297 26.64 1.93 -1.09
CA LEU A 297 26.63 3.17 -1.86
C LEU A 297 27.26 4.33 -1.10
N ASN A 298 27.33 4.23 0.24
CA ASN A 298 27.99 5.25 1.05
C ASN A 298 29.49 5.31 0.77
N ARG A 299 30.05 4.26 0.16
CA ARG A 299 31.48 4.19 -0.13
C ARG A 299 31.80 4.65 -1.54
N ILE A 300 30.83 5.20 -2.26
CA ILE A 300 31.05 5.73 -3.61
C ILE A 300 31.22 7.25 -3.48
N PRO A 301 32.38 7.81 -3.81
CA PRO A 301 32.61 9.24 -3.54
C PRO A 301 31.62 10.15 -4.27
N GLN A 302 31.22 9.78 -5.48
CA GLN A 302 30.31 10.61 -6.26
C GLN A 302 28.96 10.79 -5.58
N LEU A 303 28.64 9.95 -4.60
CA LEU A 303 27.36 10.03 -3.90
C LEU A 303 27.44 10.75 -2.57
N ALA A 304 28.64 11.14 -2.14
CA ALA A 304 28.77 11.90 -0.91
C ALA A 304 28.02 13.23 -1.02
N GLY A 305 27.15 13.50 -0.05
CA GLY A 305 26.35 14.70 -0.07
C GLY A 305 25.06 14.61 -0.84
N SER A 306 24.75 13.44 -1.44
CA SER A 306 23.47 13.29 -2.11
C SER A 306 22.31 13.16 -1.14
N ILE A 307 22.58 12.89 0.13
CA ILE A 307 21.60 13.05 1.20
C ILE A 307 21.53 14.52 1.56
N ASN A 308 20.32 15.09 1.51
CA ASN A 308 20.19 16.52 1.77
C ASN A 308 20.18 16.78 3.27
N ASP A 309 20.01 18.06 3.65
CA ASP A 309 20.19 18.46 5.04
C ASP A 309 19.06 18.00 5.95
N ILE A 310 17.98 17.43 5.41
CA ILE A 310 16.92 16.88 6.24
C ILE A 310 16.81 15.37 6.07
N GLY A 311 17.86 14.73 5.55
CA GLY A 311 17.95 13.29 5.55
C GLY A 311 17.35 12.58 4.35
N THR A 312 17.09 13.29 3.26
CA THR A 312 16.42 12.71 2.09
C THR A 312 17.41 12.56 0.95
N PHE A 313 17.41 11.39 0.31
CA PHE A 313 18.20 11.15 -0.89
C PHE A 313 17.63 11.98 -2.04
N THR A 314 18.39 12.97 -2.51
CA THR A 314 17.96 13.86 -3.59
C THR A 314 19.09 13.98 -4.61
N PRO A 315 19.27 12.96 -5.45
CA PRO A 315 20.44 12.93 -6.33
C PRO A 315 20.27 13.82 -7.56
N SER A 316 21.42 14.17 -8.14
CA SER A 316 21.43 14.65 -9.51
C SER A 316 21.01 13.53 -10.44
N ASP A 317 20.85 13.86 -11.72
CA ASP A 317 20.58 12.83 -12.72
C ASP A 317 21.73 11.83 -12.77
N GLU A 318 22.97 12.34 -12.79
CA GLU A 318 24.14 11.47 -12.81
C GLU A 318 24.23 10.62 -11.55
N GLN A 319 23.94 11.21 -10.39
CA GLN A 319 24.00 10.46 -9.14
C GLN A 319 22.93 9.39 -9.11
N PHE A 320 21.73 9.67 -9.64
CA PHE A 320 20.71 8.63 -9.70
C PHE A 320 21.15 7.51 -10.63
N ARG A 321 21.75 7.84 -11.77
CA ARG A 321 22.23 6.81 -12.67
C ARG A 321 23.24 5.91 -11.98
N ILE A 322 24.21 6.52 -11.29
CA ILE A 322 25.23 5.75 -10.57
C ILE A 322 24.58 4.85 -9.53
N ALA A 323 23.71 5.42 -8.69
CA ALA A 323 23.10 4.67 -7.60
C ALA A 323 22.24 3.52 -8.13
N TYR A 324 21.44 3.78 -9.15
CA TYR A 324 20.56 2.74 -9.69
C TYR A 324 21.37 1.64 -10.37
N ASP A 325 22.40 2.01 -11.15
CA ASP A 325 23.23 1.00 -11.79
C ASP A 325 23.90 0.10 -10.76
N ALA A 326 24.45 0.69 -9.69
CA ALA A 326 25.04 -0.13 -8.64
C ALA A 326 23.99 -0.99 -7.96
N SER A 327 22.81 -0.42 -7.70
CA SER A 327 21.73 -1.17 -7.05
C SER A 327 21.33 -2.40 -7.86
N GLN A 328 21.33 -2.29 -9.19
CA GLN A 328 20.74 -3.34 -10.02
C GLN A 328 21.48 -4.67 -9.94
N GLN A 329 22.70 -4.70 -9.39
CA GLN A 329 23.41 -5.97 -9.27
C GLN A 329 22.93 -6.79 -8.07
N VAL A 330 22.43 -6.12 -7.03
CA VAL A 330 21.95 -6.80 -5.82
C VAL A 330 20.49 -6.52 -5.53
N PHE A 331 19.79 -5.79 -6.39
CA PHE A 331 18.41 -5.38 -6.10
C PHE A 331 17.61 -5.34 -7.39
N GLY A 332 16.63 -6.24 -7.53
CA GLY A 332 15.78 -6.25 -8.69
C GLY A 332 14.33 -6.36 -8.30
N PHE A 333 13.46 -6.02 -9.26
CA PHE A 333 12.02 -6.11 -9.06
C PHE A 333 11.37 -6.89 -10.21
N ALA A 334 10.16 -7.36 -9.96
CA ALA A 334 9.46 -8.27 -10.85
C ALA A 334 7.98 -8.27 -10.47
N PRO A 335 7.10 -8.77 -11.35
CA PRO A 335 5.68 -8.84 -11.00
C PRO A 335 5.45 -9.69 -9.76
N TYR A 336 4.36 -9.40 -9.07
CA TYR A 336 3.92 -10.24 -7.96
C TYR A 336 3.77 -11.69 -8.42
N PRO A 337 4.16 -12.66 -7.60
CA PRO A 337 4.08 -14.07 -8.04
C PRO A 337 2.63 -14.52 -8.21
N ALA A 338 2.36 -15.16 -9.34
CA ALA A 338 1.04 -15.70 -9.61
C ALA A 338 0.80 -16.94 -8.74
N VAL A 339 -0.48 -17.27 -8.57
CA VAL A 339 -0.81 -18.54 -7.92
C VAL A 339 -0.91 -19.67 -8.93
N ALA A 340 -1.36 -19.38 -10.14
CA ALA A 340 -1.51 -20.38 -11.19
C ALA A 340 -0.51 -20.08 -12.30
N PRO A 341 0.33 -21.05 -12.70
CA PRO A 341 1.25 -20.80 -13.80
C PRO A 341 0.49 -20.50 -15.09
N GLY A 342 1.00 -19.50 -15.83
CA GLY A 342 0.46 -19.19 -17.14
C GLY A 342 -0.20 -17.83 -17.27
N GLN A 343 -0.55 -17.15 -16.18
CA GLN A 343 -1.20 -15.85 -16.25
C GLN A 343 -0.83 -15.06 -14.99
N PRO A 344 -0.90 -13.74 -15.04
CA PRO A 344 -0.40 -12.93 -13.92
C PRO A 344 -1.30 -13.03 -12.71
N ALA A 345 -0.76 -12.59 -11.57
CA ALA A 345 -1.55 -12.44 -10.36
C ALA A 345 -2.49 -11.25 -10.48
N LYS A 346 -3.53 -11.27 -9.64
CA LYS A 346 -4.39 -10.11 -9.43
C LYS A 346 -4.06 -9.57 -8.04
N VAL A 347 -3.42 -8.40 -8.00
CA VAL A 347 -2.75 -7.91 -6.80
C VAL A 347 -3.64 -6.88 -6.10
N THR A 348 -3.75 -7.01 -4.78
CA THR A 348 -4.63 -6.15 -4.00
C THR A 348 -4.14 -4.71 -4.05
N ILE A 349 -5.05 -3.80 -4.42
CA ILE A 349 -4.73 -2.38 -4.52
C ILE A 349 -4.77 -1.75 -3.14
N GLY A 350 -3.90 -0.77 -2.91
CA GLY A 350 -3.92 0.03 -1.70
C GLY A 350 -3.73 1.50 -2.03
N GLY A 351 -3.54 2.34 -1.02
CA GLY A 351 -3.22 3.73 -1.29
C GLY A 351 -3.94 4.66 -0.34
N LEU A 352 -4.02 5.92 -0.76
CA LEU A 352 -4.58 7.01 0.04
C LEU A 352 -5.43 7.91 -0.85
N ASN A 353 -6.63 8.22 -0.36
CA ASN A 353 -7.56 9.14 -0.98
C ASN A 353 -7.76 10.35 -0.07
N LEU A 354 -7.84 11.53 -0.66
CA LEU A 354 -8.01 12.77 0.10
C LEU A 354 -9.49 13.04 0.30
N ALA A 355 -9.95 13.02 1.56
CA ALA A 355 -11.32 13.27 1.91
C ALA A 355 -11.43 14.54 2.75
N VAL A 356 -12.55 15.24 2.63
CA VAL A 356 -12.81 16.43 3.43
C VAL A 356 -13.70 16.06 4.60
N ALA A 357 -13.26 16.39 5.81
CA ALA A 357 -14.00 16.06 7.01
C ALA A 357 -15.32 16.83 7.09
N LYS A 358 -16.37 16.14 7.53
CA LYS A 358 -17.62 16.83 7.82
C LYS A 358 -17.46 17.86 8.95
N THR A 359 -16.39 17.73 9.74
CA THR A 359 -16.13 18.67 10.84
C THR A 359 -15.58 20.00 10.36
N THR A 360 -15.18 20.12 9.10
CA THR A 360 -14.50 21.33 8.65
C THR A 360 -15.40 22.55 8.80
N ARG A 361 -14.77 23.68 9.15
CA ARG A 361 -15.42 24.98 9.10
C ARG A 361 -15.24 25.67 7.77
N HIS A 362 -14.44 25.10 6.86
CA HIS A 362 -14.00 25.76 5.64
C HIS A 362 -13.96 24.75 4.49
N ARG A 363 -15.14 24.38 3.98
CA ARG A 363 -15.22 23.41 2.89
C ARG A 363 -14.49 23.91 1.64
N ALA A 364 -14.72 25.18 1.27
CA ALA A 364 -14.09 25.73 0.07
C ALA A 364 -12.58 25.58 0.12
N GLU A 365 -11.96 26.08 1.19
CA GLU A 365 -10.51 26.00 1.32
C GLU A 365 -10.03 24.56 1.42
N ALA A 366 -10.81 23.68 2.06
CA ALA A 366 -10.39 22.29 2.20
C ALA A 366 -10.34 21.59 0.85
N PHE A 367 -11.38 21.78 0.02
CA PHE A 367 -11.38 21.16 -1.30
C PHE A 367 -10.33 21.78 -2.21
N GLU A 368 -10.10 23.09 -2.08
CA GLU A 368 -9.02 23.72 -2.84
C GLU A 368 -7.66 23.14 -2.46
N ALA A 369 -7.44 22.95 -1.15
CA ALA A 369 -6.22 22.32 -0.68
C ALA A 369 -6.09 20.91 -1.25
N VAL A 370 -7.18 20.15 -1.26
CA VAL A 370 -7.15 18.80 -1.83
C VAL A 370 -6.68 18.87 -3.28
N ARG A 371 -7.23 19.81 -4.06
CA ARG A 371 -6.83 19.94 -5.46
C ARG A 371 -5.34 20.24 -5.58
N CYS A 372 -4.82 21.12 -4.72
CA CYS A 372 -3.38 21.43 -4.81
C CYS A 372 -2.51 20.24 -4.43
N LEU A 373 -2.89 19.52 -3.38
CA LEU A 373 -2.06 18.44 -2.86
C LEU A 373 -1.86 17.33 -3.88
N ARG A 374 -2.78 17.19 -4.84
CA ARG A 374 -2.73 16.13 -5.84
C ARG A 374 -2.41 16.66 -7.23
N ASP A 375 -1.77 17.81 -7.34
CA ASP A 375 -1.48 18.32 -8.68
C ASP A 375 -0.25 17.62 -9.25
N GLN A 376 0.04 17.93 -10.52
CA GLN A 376 1.04 17.18 -11.28
C GLN A 376 2.41 17.23 -10.62
N HIS A 377 2.84 18.44 -10.23
CA HIS A 377 4.14 18.59 -9.58
C HIS A 377 4.20 17.77 -8.29
N ASN A 378 3.15 17.86 -7.46
CA ASN A 378 3.16 17.15 -6.19
C ASN A 378 3.00 15.65 -6.37
N GLN A 379 2.37 15.22 -7.48
CA GLN A 379 2.31 13.79 -7.78
C GLN A 379 3.68 13.25 -8.15
N ARG A 380 4.38 13.97 -9.03
CA ARG A 380 5.76 13.61 -9.34
C ARG A 380 6.60 13.55 -8.07
N TYR A 381 6.40 14.52 -7.15
CA TYR A 381 7.18 14.52 -5.92
C TYR A 381 6.83 13.33 -5.03
N VAL A 382 5.53 13.05 -4.86
CA VAL A 382 5.12 11.98 -3.96
C VAL A 382 5.64 10.64 -4.47
N SER A 383 5.82 10.50 -5.78
CA SER A 383 6.38 9.26 -6.28
C SER A 383 7.91 9.23 -6.20
N LEU A 384 8.57 10.23 -6.78
CA LEU A 384 10.02 10.17 -6.93
C LEU A 384 10.76 10.45 -5.63
N GLU A 385 10.14 11.14 -4.68
CA GLU A 385 10.76 11.40 -3.38
C GLU A 385 10.12 10.63 -2.24
N GLY A 386 8.79 10.55 -2.21
CA GLY A 386 8.11 9.78 -1.19
C GLY A 386 8.01 8.29 -1.45
N GLY A 387 8.27 7.87 -2.69
CA GLY A 387 8.17 6.47 -3.06
C GLY A 387 6.77 5.95 -3.28
N LEU A 388 5.73 6.76 -3.02
CA LEU A 388 4.33 6.35 -3.11
C LEU A 388 3.83 6.48 -4.55
N PRO A 389 3.27 5.41 -5.13
CA PRO A 389 2.82 5.49 -6.53
C PRO A 389 1.77 6.56 -6.75
N ALA A 390 1.97 7.35 -7.79
CA ALA A 390 1.05 8.42 -8.13
C ALA A 390 -0.21 7.86 -8.78
N VAL A 391 -1.28 8.66 -8.75
CA VAL A 391 -2.54 8.27 -9.38
C VAL A 391 -2.78 8.94 -10.72
N ARG A 392 -1.93 9.90 -11.11
CA ARG A 392 -2.10 10.59 -12.38
C ARG A 392 -1.64 9.68 -13.52
N ALA A 393 -2.57 9.38 -14.43
CA ALA A 393 -2.26 8.49 -15.55
C ALA A 393 -1.11 9.02 -16.40
N SER A 394 -1.09 10.34 -16.62
CA SER A 394 -0.10 10.96 -17.47
C SER A 394 1.33 10.59 -17.08
N LEU A 395 1.60 10.52 -15.77
CA LEU A 395 2.96 10.28 -15.30
C LEU A 395 3.49 8.93 -15.75
N TYR A 396 2.64 7.91 -15.78
CA TYR A 396 3.05 6.61 -16.27
C TYR A 396 3.28 6.60 -17.78
N SER A 397 2.91 7.69 -18.47
CA SER A 397 3.21 7.88 -19.88
C SER A 397 4.28 8.96 -20.07
N ASP A 398 5.00 9.31 -19.02
CA ASP A 398 5.97 10.40 -19.03
C ASP A 398 7.38 9.84 -18.96
N PRO A 399 8.18 9.99 -20.02
CA PRO A 399 9.52 9.37 -20.01
C PRO A 399 10.43 9.85 -18.89
N GLN A 400 10.29 11.09 -18.50
CA GLN A 400 11.04 11.68 -17.41
C GLN A 400 10.71 11.00 -16.13
N PHE A 401 9.44 10.86 -15.88
CA PHE A 401 8.95 10.13 -14.73
C PHE A 401 9.40 8.67 -14.79
N GLN A 402 9.28 8.05 -15.96
CA GLN A 402 9.64 6.65 -16.10
C GLN A 402 11.11 6.39 -15.84
N ALA A 403 11.97 7.37 -16.15
CA ALA A 403 13.41 7.18 -15.95
C ALA A 403 13.76 7.11 -14.47
N LYS A 404 13.06 7.86 -13.63
CA LYS A 404 13.34 7.88 -12.20
C LYS A 404 12.47 6.91 -11.42
N TYR A 405 11.46 6.30 -12.04
CA TYR A 405 10.55 5.37 -11.39
C TYR A 405 10.49 4.11 -12.24
N PRO A 406 11.56 3.30 -12.22
CA PRO A 406 11.66 2.21 -13.20
C PRO A 406 10.62 1.11 -13.03
N MET A 407 9.94 1.03 -11.89
CA MET A 407 8.86 0.06 -11.71
C MET A 407 7.56 0.47 -12.39
N HIS A 408 7.56 1.54 -13.19
CA HIS A 408 6.32 2.17 -13.62
C HIS A 408 5.43 1.22 -14.42
N ALA A 409 6.03 0.44 -15.32
CA ALA A 409 5.22 -0.39 -16.22
C ALA A 409 4.51 -1.51 -15.48
N ILE A 410 5.25 -2.24 -14.64
CA ILE A 410 4.64 -3.31 -13.85
C ILE A 410 3.58 -2.75 -12.93
N ILE A 411 3.84 -1.57 -12.35
CA ILE A 411 2.87 -0.94 -11.46
C ILE A 411 1.58 -0.64 -12.21
N ARG A 412 1.69 0.01 -13.37
CA ARG A 412 0.48 0.35 -14.13
C ARG A 412 -0.27 -0.91 -14.56
N GLN A 413 0.46 -1.94 -14.98
CA GLN A 413 -0.17 -3.19 -15.38
C GLN A 413 -0.96 -3.79 -14.22
N GLN A 414 -0.35 -3.85 -13.03
CA GLN A 414 -1.03 -4.46 -11.89
C GLN A 414 -2.17 -3.58 -11.39
N LEU A 415 -2.08 -2.26 -11.60
CA LEU A 415 -3.18 -1.39 -11.24
C LEU A 415 -4.34 -1.53 -12.20
N THR A 416 -4.07 -1.94 -13.44
CA THR A 416 -5.15 -2.16 -14.40
C THR A 416 -5.94 -3.42 -14.07
N ASP A 417 -5.25 -4.48 -13.66
CA ASP A 417 -5.86 -5.77 -13.36
C ASP A 417 -5.89 -6.04 -11.85
N ALA A 418 -6.24 -5.02 -11.06
CA ALA A 418 -6.02 -5.08 -9.62
C ALA A 418 -7.10 -5.90 -8.92
N ALA A 419 -6.68 -6.61 -7.87
CA ALA A 419 -7.61 -7.15 -6.90
C ALA A 419 -8.03 -6.04 -5.93
N VAL A 420 -9.21 -6.22 -5.33
CA VAL A 420 -9.76 -5.23 -4.41
C VAL A 420 -10.20 -5.95 -3.14
N ARG A 421 -9.85 -5.37 -1.99
CA ARG A 421 -10.45 -5.80 -0.75
C ARG A 421 -11.93 -5.42 -0.75
N PRO A 422 -12.79 -6.19 -0.08
CA PRO A 422 -14.21 -5.88 -0.09
C PRO A 422 -14.48 -4.48 0.44
N ALA A 423 -15.33 -3.75 -0.26
CA ALA A 423 -15.77 -2.42 0.16
C ALA A 423 -17.05 -2.57 0.98
N THR A 424 -16.96 -2.30 2.28
CA THR A 424 -18.10 -2.47 3.18
C THR A 424 -17.91 -1.57 4.38
N PRO A 425 -18.99 -1.03 4.95
CA PRO A 425 -18.85 -0.18 6.14
C PRO A 425 -18.33 -0.92 7.36
N VAL A 426 -18.36 -2.25 7.36
CA VAL A 426 -17.91 -3.02 8.52
C VAL A 426 -16.53 -3.59 8.27
N TYR A 427 -15.73 -2.91 7.43
CA TYR A 427 -14.45 -3.50 7.04
C TYR A 427 -13.53 -3.68 8.23
N GLN A 428 -13.57 -2.77 9.20
CA GLN A 428 -12.68 -2.88 10.36
C GLN A 428 -12.87 -4.21 11.08
N ALA A 429 -14.11 -4.52 11.45
CA ALA A 429 -14.40 -5.78 12.14
C ALA A 429 -14.10 -6.97 11.25
N LEU A 430 -14.45 -6.89 9.96
CA LEU A 430 -14.19 -7.98 9.04
C LEU A 430 -12.71 -8.32 8.99
N SER A 431 -11.86 -7.30 8.82
CA SER A 431 -10.43 -7.51 8.72
C SER A 431 -9.85 -8.01 10.04
N ILE A 432 -10.34 -7.49 11.17
CA ILE A 432 -9.89 -7.98 12.47
C ILE A 432 -10.15 -9.48 12.59
N ARG A 433 -11.38 -9.90 12.25
CA ARG A 433 -11.73 -11.32 12.39
C ARG A 433 -10.95 -12.19 11.41
N LEU A 434 -10.82 -11.75 10.16
CA LEU A 434 -10.08 -12.52 9.17
C LEU A 434 -8.63 -12.69 9.60
N ALA A 435 -8.00 -11.61 10.06
CA ALA A 435 -6.61 -11.70 10.51
C ALA A 435 -6.48 -12.60 11.72
N ALA A 436 -7.46 -12.56 12.63
CA ALA A 436 -7.42 -13.45 13.78
C ALA A 436 -7.46 -14.91 13.36
N VAL A 437 -8.26 -15.24 12.33
CA VAL A 437 -8.32 -16.61 11.87
C VAL A 437 -7.02 -17.01 11.16
N LEU A 438 -6.51 -16.12 10.30
CA LEU A 438 -5.33 -16.46 9.51
C LEU A 438 -4.08 -16.60 10.36
N SER A 439 -4.00 -15.85 11.46
CA SER A 439 -2.77 -15.84 12.25
C SER A 439 -2.86 -16.82 13.42
N PRO A 440 -1.80 -17.60 13.68
CA PRO A 440 -0.56 -17.63 12.90
C PRO A 440 -0.70 -18.55 11.68
N ILE A 441 -0.01 -18.20 10.58
CA ILE A 441 -0.21 -18.95 9.34
C ILE A 441 0.38 -20.36 9.42
N THR A 442 1.24 -20.63 10.41
CA THR A 442 1.77 -21.98 10.57
C THR A 442 0.69 -22.97 11.01
N GLU A 443 -0.39 -22.49 11.63
CA GLU A 443 -1.46 -23.37 12.12
C GLU A 443 -2.65 -23.42 11.17
N ILE A 444 -2.48 -22.97 9.92
CA ILE A 444 -3.57 -23.01 8.97
C ILE A 444 -3.80 -24.45 8.51
N ASP A 445 -5.04 -24.91 8.61
CA ASP A 445 -5.46 -26.14 7.94
C ASP A 445 -6.48 -25.76 6.87
N PRO A 446 -6.10 -25.79 5.59
CA PRO A 446 -6.91 -25.18 4.52
C PRO A 446 -8.42 -25.41 4.59
N GLU A 447 -8.88 -26.64 4.75
CA GLU A 447 -10.33 -26.91 4.73
C GLU A 447 -11.02 -26.31 5.95
N SER A 448 -10.58 -26.71 7.16
CA SER A 448 -11.19 -26.20 8.37
C SER A 448 -10.98 -24.70 8.51
N THR A 449 -9.82 -24.20 8.09
CA THR A 449 -9.57 -22.77 8.16
C THR A 449 -10.47 -22.01 7.20
N ALA A 450 -10.76 -22.57 6.03
CA ALA A 450 -11.72 -21.96 5.12
C ALA A 450 -13.09 -21.84 5.77
N ASP A 451 -13.54 -22.92 6.43
CA ASP A 451 -14.84 -22.85 7.10
C ASP A 451 -14.84 -21.82 8.22
N GLU A 452 -13.74 -21.73 8.98
CA GLU A 452 -13.67 -20.76 10.07
C GLU A 452 -13.63 -19.32 9.53
N LEU A 453 -12.91 -19.10 8.44
CA LEU A 453 -12.90 -17.78 7.80
C LEU A 453 -14.31 -17.39 7.37
N ALA A 454 -15.03 -18.31 6.74
CA ALA A 454 -16.40 -18.04 6.33
C ALA A 454 -17.26 -17.65 7.52
N ALA A 455 -17.17 -18.43 8.61
CA ALA A 455 -18.00 -18.14 9.79
C ALA A 455 -17.67 -16.77 10.38
N GLN A 456 -16.38 -16.42 10.47
CA GLN A 456 -16.00 -15.15 11.07
C GLN A 456 -16.40 -13.97 10.19
N ALA A 457 -16.25 -14.12 8.87
CA ALA A 457 -16.71 -13.06 7.97
C ALA A 457 -18.22 -12.87 8.05
N GLN A 458 -18.96 -13.98 8.22
CA GLN A 458 -20.40 -13.87 8.39
C GLN A 458 -20.74 -13.12 9.68
N LYS A 459 -20.02 -13.42 10.77
CA LYS A 459 -20.22 -12.66 11.99
C LYS A 459 -19.95 -11.17 11.77
N ALA A 460 -18.92 -10.86 10.97
CA ALA A 460 -18.58 -9.46 10.72
C ALA A 460 -19.71 -8.74 9.98
N ILE A 461 -20.17 -9.31 8.86
CA ILE A 461 -21.21 -8.60 8.11
C ILE A 461 -22.58 -8.69 8.78
N ASP A 462 -22.78 -9.64 9.70
CA ASP A 462 -24.03 -9.69 10.44
C ASP A 462 -24.17 -8.50 11.38
N GLY A 463 -23.04 -7.99 11.88
CA GLY A 463 -23.06 -6.94 12.89
C GLY A 463 -22.50 -7.43 14.21
N MET A 464 -21.19 -7.67 14.25
CA MET A 464 -20.53 -8.18 15.48
C MET A 464 -19.03 -7.89 15.42
N GLY A 465 -18.53 -7.10 16.37
CA GLY A 465 -17.12 -6.75 16.40
C GLY A 465 -16.52 -6.76 17.79
#